data_5SAW
#
_entry.id   5SAW
#
_cell.length_a   47.630
_cell.length_b   61.640
_cell.length_c   116.140
_cell.angle_alpha   90.000
_cell.angle_beta   90.000
_cell.angle_gamma   90.000
#
_symmetry.space_group_name_H-M   'P 21 21 21'
#
loop_
_entity.id
_entity.type
_entity.pdbx_description
1 polymer 'Epithelial discoidin domain-containing receptor 1'
2 non-polymer 2-{3-[(pyridin-3-yl)ethynyl]phenyl}-N-[3-(trifluoromethyl)phenyl]acetamide
3 non-polymer 'IODIDE ION'
4 water water
#
_entity_poly.entity_id   1
_entity_poly.type   'polypeptide(L)'
_entity_poly.pdbx_seq_one_letter_code
;PGAVGDGPPRVDFPRSRLRFKEKLGEGQFGEVHLCEVDSPQDLVSLDFPLNVRKGHPLLVAVKILRPDATKNARNDFLKE
VKIMSRLKDPNIIRLLGVCVQDDPLCMITDYMENGDLNQFLSAHQLEDKAAEGAPGDPTISYPMLLHVAAQIASGMRYLA
TLNFVHRDLATRNCLVGENFTIKIADFGMSRNLYAGDYYRVQGRAVLPIRWMAWECILMGKFTTASDVWAFGVTLWEVLM
LCRAQPFGQLTDEQVIENAGEFFRDQGRQVYLSRPPACPQGLYELMLRCWSRESEQRPPFSQLHRFLAEDALNTVHHHHH
H
;
_entity_poly.pdbx_strand_id   A
#
loop_
_chem_comp.id
_chem_comp.type
_chem_comp.name
_chem_comp.formula
1IM non-polymer 2-{3-[(pyridin-3-yl)ethynyl]phenyl}-N-[3-(trifluoromethyl)phenyl]acetamide 'C22 H15 F3 N2 O'
IOD non-polymer 'IODIDE ION' 'I -1'
#
# COMPACT_ATOMS: atom_id res chain seq x y z
N VAL A 11 -0.41 -27.16 -8.13
CA VAL A 11 0.76 -27.37 -8.98
C VAL A 11 1.56 -26.08 -9.12
N ASP A 12 2.85 -26.15 -8.79
CA ASP A 12 3.71 -24.97 -8.81
C ASP A 12 3.86 -24.34 -10.19
N PHE A 13 4.12 -23.04 -10.21
CA PHE A 13 4.67 -22.40 -11.39
C PHE A 13 6.02 -23.06 -11.68
N PRO A 14 6.39 -23.22 -12.97
CA PRO A 14 7.69 -23.83 -13.27
C PRO A 14 8.86 -22.93 -12.96
N ARG A 15 9.52 -23.17 -11.83
CA ARG A 15 10.58 -22.30 -11.36
C ARG A 15 11.71 -22.12 -12.37
N SER A 16 11.98 -23.14 -13.18
CA SER A 16 13.07 -23.05 -14.14
C SER A 16 12.85 -22.01 -15.23
N ARG A 17 11.59 -21.63 -15.44
CA ARG A 17 11.24 -20.63 -16.45
C ARG A 17 11.54 -19.20 -15.99
N LEU A 18 11.89 -19.06 -14.71
CA LEU A 18 12.33 -17.78 -14.17
C LEU A 18 13.84 -17.60 -14.36
N ARG A 19 14.25 -16.44 -14.86
CA ARG A 19 15.68 -16.08 -14.87
C ARG A 19 15.95 -14.79 -14.12
N PHE A 20 16.79 -14.86 -13.09
CA PHE A 20 17.11 -13.71 -12.25
C PHE A 20 17.73 -12.57 -13.06
N LYS A 21 17.28 -11.35 -12.82
CA LYS A 21 17.86 -10.18 -13.47
C LYS A 21 18.54 -9.25 -12.47
N GLU A 22 17.80 -8.88 -11.43
CA GLU A 22 18.31 -7.98 -10.41
C GLU A 22 17.45 -8.01 -9.15
N LYS A 23 18.02 -7.57 -8.04
CA LYS A 23 17.25 -7.38 -6.82
C LYS A 23 16.47 -6.07 -6.89
N LEU A 24 15.24 -6.09 -6.40
CA LEU A 24 14.44 -4.86 -6.27
C LEU A 24 14.42 -4.37 -4.82
N GLY A 25 14.23 -5.30 -3.88
CA GLY A 25 14.16 -4.97 -2.47
C GLY A 25 14.37 -6.17 -1.56
N GLU A 26 14.24 -5.94 -0.25
CA GLU A 26 14.40 -7.02 0.74
C GLU A 26 13.38 -6.88 1.87
N GLY A 27 13.12 -7.98 2.57
CA GLY A 27 12.11 -7.97 3.62
C GLY A 27 12.37 -8.89 4.81
N GLN A 28 11.39 -8.96 5.71
CA GLN A 28 11.50 -9.72 6.95
C GLN A 28 11.61 -11.23 6.72
N PHE A 29 10.91 -11.72 5.69
CA PHE A 29 10.93 -13.14 5.35
C PHE A 29 10.98 -13.33 3.84
N GLY A 30 11.98 -12.72 3.21
CA GLY A 30 12.17 -12.84 1.78
C GLY A 30 12.52 -11.53 1.09
N GLU A 31 13.32 -11.61 0.03
CA GLU A 31 13.62 -10.44 -0.80
C GLU A 31 12.95 -10.55 -2.17
N VAL A 32 12.87 -9.44 -2.89
CA VAL A 32 12.11 -9.40 -4.15
C VAL A 32 13.03 -9.15 -5.33
N HIS A 33 13.00 -10.08 -6.28
CA HIS A 33 13.89 -10.04 -7.42
C HIS A 33 13.15 -9.82 -8.72
N LEU A 34 13.73 -9.01 -9.60
CA LEU A 34 13.20 -8.89 -10.93
C LEU A 34 13.65 -10.08 -11.77
N CYS A 35 12.68 -10.79 -12.35
CA CYS A 35 13.00 -11.97 -13.15
C CYS A 35 12.42 -11.89 -14.57
N GLU A 36 13.07 -12.59 -15.50
CA GLU A 36 12.59 -12.67 -16.88
C GLU A 36 11.98 -14.03 -17.17
N VAL A 37 10.87 -14.03 -17.90
CA VAL A 37 10.27 -15.26 -18.39
C VAL A 37 10.31 -15.27 -19.91
N ASP A 38 11.12 -16.15 -20.48
CA ASP A 38 11.24 -16.24 -21.95
C ASP A 38 10.05 -16.98 -22.57
N SER A 39 9.58 -16.47 -23.69
CA SER A 39 8.50 -17.11 -24.45
C SER A 39 7.32 -17.55 -23.57
N PRO A 40 6.72 -16.60 -22.83
CA PRO A 40 5.71 -16.94 -21.82
C PRO A 40 4.35 -17.33 -22.37
N GLN A 41 4.20 -17.38 -23.68
CA GLN A 41 2.89 -17.61 -24.29
C GLN A 41 2.27 -18.96 -23.91
N ASP A 42 3.09 -19.98 -23.67
CA ASP A 42 2.53 -21.28 -23.30
C ASP A 42 2.06 -21.32 -21.84
N LEU A 43 2.37 -20.29 -21.06
CA LEU A 43 2.00 -20.27 -19.64
C LEU A 43 0.70 -19.53 -19.36
N VAL A 44 0.11 -18.94 -20.40
CA VAL A 44 -1.09 -18.11 -20.22
C VAL A 44 -2.30 -18.90 -19.68
N SER A 45 -3.00 -18.32 -18.71
CA SER A 45 -4.15 -18.97 -18.07
C SER A 45 -5.04 -17.93 -17.42
N LEU A 46 -6.14 -18.38 -16.80
CA LEU A 46 -7.01 -17.47 -16.06
C LEU A 46 -6.27 -16.76 -14.92
N ASP A 47 -5.22 -17.40 -14.41
CA ASP A 47 -4.44 -16.84 -13.31
C ASP A 47 -3.17 -16.13 -13.78
N PHE A 48 -2.78 -16.40 -15.02
CA PHE A 48 -1.50 -15.89 -15.54
C PHE A 48 -1.72 -15.15 -16.86
N PRO A 49 -2.11 -13.87 -16.78
CA PRO A 49 -2.41 -13.07 -17.96
C PRO A 49 -1.17 -12.55 -18.70
N LEU A 50 -1.36 -12.14 -19.95
CA LEU A 50 -0.24 -11.69 -20.76
C LEU A 50 -0.66 -10.75 -21.87
N ASN A 51 0.11 -9.69 -22.08
CA ASN A 51 -0.08 -8.87 -23.26
C ASN A 51 1.01 -9.17 -24.30
N VAL A 52 2.19 -8.60 -24.09
CA VAL A 52 3.35 -8.76 -24.99
C VAL A 52 2.98 -8.79 -26.48
N GLY A 55 11.18 -5.99 -26.47
CA GLY A 55 10.73 -6.33 -25.12
C GLY A 55 9.74 -7.47 -25.12
N HIS A 56 10.18 -8.63 -25.59
CA HIS A 56 9.33 -9.80 -25.68
C HIS A 56 9.35 -10.71 -24.44
N PRO A 57 10.48 -10.79 -23.72
CA PRO A 57 10.34 -11.55 -22.46
C PRO A 57 9.45 -10.83 -21.48
N LEU A 58 8.68 -11.60 -20.72
CA LEU A 58 7.84 -11.06 -19.66
C LEU A 58 8.69 -10.79 -18.42
N LEU A 59 8.51 -9.62 -17.83
CA LEU A 59 9.16 -9.31 -16.55
C LEU A 59 8.18 -9.57 -15.42
N VAL A 60 8.61 -10.32 -14.40
CA VAL A 60 7.82 -10.51 -13.18
C VAL A 60 8.65 -10.20 -11.94
N ALA A 61 7.99 -9.88 -10.83
CA ALA A 61 8.69 -9.72 -9.56
C ALA A 61 8.50 -10.97 -8.74
N VAL A 62 9.58 -11.51 -8.19
CA VAL A 62 9.50 -12.74 -7.44
C VAL A 62 10.03 -12.55 -6.01
N LYS A 63 9.17 -12.78 -5.01
CA LYS A 63 9.63 -12.75 -3.62
C LYS A 63 10.10 -14.14 -3.26
N ILE A 64 11.33 -14.24 -2.76
CA ILE A 64 11.98 -15.54 -2.57
C ILE A 64 12.47 -15.69 -1.13
N LEU A 65 12.25 -16.87 -0.54
CA LEU A 65 12.80 -17.15 0.78
C LEU A 65 14.22 -17.69 0.66
N ARG A 66 15.20 -16.92 1.14
CA ARG A 66 16.61 -17.30 1.01
C ARG A 66 16.96 -18.51 1.88
N PRO A 67 18.07 -19.19 1.56
CA PRO A 67 18.48 -20.41 2.28
C PRO A 67 18.70 -20.29 3.80
N ASP A 68 19.11 -19.14 4.30
CA ASP A 68 19.39 -19.05 5.73
C ASP A 68 18.20 -18.57 6.55
N ALA A 69 16.99 -18.65 6.00
CA ALA A 69 15.82 -18.12 6.70
C ALA A 69 15.50 -18.87 8.00
N THR A 70 15.10 -18.14 9.03
CA THR A 70 14.70 -18.78 10.27
C THR A 70 13.41 -19.57 10.06
N LYS A 71 13.10 -20.51 10.95
CA LYS A 71 11.84 -21.24 10.88
C LYS A 71 10.65 -20.28 11.01
N ASN A 72 10.82 -19.25 11.83
CA ASN A 72 9.76 -18.25 11.99
C ASN A 72 9.55 -17.49 10.69
N ALA A 73 10.64 -17.21 9.97
CA ALA A 73 10.52 -16.52 8.68
C ALA A 73 9.81 -17.40 7.64
N ARG A 74 10.14 -18.69 7.63
CA ARG A 74 9.51 -19.60 6.70
C ARG A 74 8.00 -19.68 6.95
N ASN A 75 7.62 -19.74 8.22
CA ASN A 75 6.21 -19.80 8.58
C ASN A 75 5.49 -18.53 8.13
N ASP A 76 6.10 -17.38 8.36
CA ASP A 76 5.48 -16.14 7.93
C ASP A 76 5.37 -16.06 6.40
N PHE A 77 6.32 -16.66 5.70
CA PHE A 77 6.30 -16.67 4.22
C PHE A 77 5.13 -17.51 3.75
N LEU A 78 4.95 -18.69 4.34
CA LEU A 78 3.88 -19.57 3.94
C LEU A 78 2.51 -19.00 4.26
N LYS A 79 2.42 -18.24 5.35
CA LYS A 79 1.15 -17.56 5.66
C LYS A 79 0.88 -16.39 4.74
N GLU A 80 1.94 -15.69 4.33
CA GLU A 80 1.76 -14.62 3.34
C GLU A 80 1.23 -15.17 2.00
N VAL A 81 1.71 -16.34 1.57
CA VAL A 81 1.17 -16.98 0.38
C VAL A 81 -0.34 -17.18 0.50
N LYS A 82 -0.74 -17.70 1.65
CA LYS A 82 -2.16 -17.92 1.92
C LYS A 82 -2.98 -16.63 1.92
N ILE A 83 -2.47 -15.60 2.61
CA ILE A 83 -3.17 -14.32 2.65
C ILE A 83 -3.32 -13.75 1.24
N MET A 84 -2.22 -13.74 0.48
CA MET A 84 -2.24 -13.14 -0.85
C MET A 84 -3.09 -13.93 -1.84
N SER A 85 -3.30 -15.23 -1.57
CA SER A 85 -4.12 -16.07 -2.43
CA SER A 85 -4.11 -16.05 -2.46
C SER A 85 -5.58 -15.63 -2.42
N ARG A 86 -5.94 -14.82 -1.42
CA ARG A 86 -7.30 -14.28 -1.25
C ARG A 86 -7.56 -13.14 -2.22
N LEU A 87 -6.49 -12.53 -2.73
CA LEU A 87 -6.59 -11.21 -3.34
C LEU A 87 -6.86 -11.27 -4.84
N LYS A 88 -8.07 -10.87 -5.23
CA LYS A 88 -8.50 -10.98 -6.64
C LYS A 88 -9.10 -9.68 -7.20
N ASP A 89 -8.29 -8.63 -7.35
CA ASP A 89 -8.80 -7.34 -7.76
C ASP A 89 -7.74 -6.59 -8.55
N PRO A 90 -8.17 -5.83 -9.57
CA PRO A 90 -7.22 -5.11 -10.43
C PRO A 90 -6.36 -4.08 -9.71
N ASN A 91 -6.76 -3.65 -8.52
CA ASN A 91 -6.01 -2.61 -7.83
C ASN A 91 -5.46 -3.13 -6.52
N ILE A 92 -5.34 -4.46 -6.42
CA ILE A 92 -4.63 -5.11 -5.32
C ILE A 92 -3.54 -5.99 -5.94
N ILE A 93 -2.37 -6.05 -5.33
CA ILE A 93 -1.33 -6.96 -5.80
C ILE A 93 -1.89 -8.39 -5.94
N ARG A 94 -1.40 -9.12 -6.94
CA ARG A 94 -1.89 -10.47 -7.14
C ARG A 94 -0.76 -11.48 -7.29
N LEU A 95 -1.03 -12.70 -6.84
CA LEU A 95 -0.12 -13.81 -7.05
C LEU A 95 -0.38 -14.43 -8.41
N LEU A 96 0.58 -14.25 -9.32
CA LEU A 96 0.53 -14.88 -10.63
C LEU A 96 0.83 -16.37 -10.54
N GLY A 97 1.63 -16.73 -9.54
CA GLY A 97 2.05 -18.11 -9.38
C GLY A 97 2.83 -18.27 -8.09
N VAL A 98 3.02 -19.52 -7.67
CA VAL A 98 3.87 -19.79 -6.52
C VAL A 98 4.76 -20.98 -6.81
N CYS A 99 5.86 -21.08 -6.07
CA CYS A 99 6.67 -22.30 -6.09
C CYS A 99 6.86 -22.72 -4.64
N VAL A 100 6.02 -23.65 -4.17
CA VAL A 100 6.08 -24.04 -2.77
C VAL A 100 6.16 -25.56 -2.52
N GLN A 101 6.16 -26.37 -3.58
CA GLN A 101 6.25 -27.82 -3.38
C GLN A 101 7.68 -28.24 -3.01
N ASP A 102 8.66 -27.45 -3.45
CA ASP A 102 10.03 -27.61 -2.97
C ASP A 102 10.65 -26.23 -2.78
N ASP A 103 11.89 -26.21 -2.29
CA ASP A 103 12.62 -24.97 -2.08
C ASP A 103 13.41 -24.62 -3.34
N PRO A 104 13.67 -23.33 -3.57
CA PRO A 104 13.27 -22.18 -2.74
C PRO A 104 11.81 -21.77 -2.89
N LEU A 105 11.18 -21.40 -1.79
CA LEU A 105 9.82 -20.90 -1.82
C LEU A 105 9.76 -19.58 -2.58
N CYS A 106 8.80 -19.46 -3.51
CA CYS A 106 8.68 -18.27 -4.36
C CYS A 106 7.24 -17.81 -4.44
N MET A 107 7.06 -16.49 -4.44
CA MET A 107 5.79 -15.85 -4.80
C MET A 107 6.03 -14.99 -6.04
N ILE A 108 5.22 -15.19 -7.08
CA ILE A 108 5.40 -14.48 -8.34
C ILE A 108 4.29 -13.48 -8.53
N THR A 109 4.65 -12.23 -8.79
CA THR A 109 3.66 -11.18 -8.99
C THR A 109 4.03 -10.32 -10.21
N ASP A 110 3.12 -9.44 -10.62
CA ASP A 110 3.39 -8.53 -11.74
C ASP A 110 4.54 -7.60 -11.41
N TYR A 111 5.42 -7.35 -12.38
CA TYR A 111 6.41 -6.31 -12.19
C TYR A 111 5.76 -4.94 -12.35
N MET A 112 5.87 -4.12 -11.30
CA MET A 112 5.30 -2.78 -11.33
C MET A 112 6.45 -1.81 -11.54
N GLU A 113 6.59 -1.37 -12.79
CA GLU A 113 7.85 -0.82 -13.27
C GLU A 113 8.16 0.55 -12.71
N ASN A 114 7.16 1.22 -12.13
CA ASN A 114 7.43 2.52 -11.53
C ASN A 114 7.56 2.50 -10.00
N GLY A 115 7.64 1.31 -9.41
CA GLY A 115 8.04 1.17 -8.03
C GLY A 115 7.00 1.65 -7.03
N ASP A 116 7.43 2.06 -5.84
CA ASP A 116 6.42 2.40 -4.83
C ASP A 116 5.92 3.83 -5.05
N LEU A 117 4.66 4.05 -4.67
CA LEU A 117 3.95 5.27 -5.03
C LEU A 117 4.56 6.49 -4.34
N ASN A 118 5.14 6.27 -3.15
CA ASN A 118 5.73 7.38 -2.41
C ASN A 118 6.93 7.94 -3.16
N GLN A 119 7.80 7.05 -3.61
CA GLN A 119 8.96 7.48 -4.40
C GLN A 119 8.53 8.02 -5.76
N PHE A 120 7.49 7.44 -6.34
CA PHE A 120 7.00 7.89 -7.64
C PHE A 120 6.48 9.33 -7.56
N LEU A 121 5.56 9.60 -6.63
CA LEU A 121 5.03 10.95 -6.52
C LEU A 121 6.10 11.94 -6.08
N SER A 122 7.03 11.50 -5.24
CA SER A 122 8.12 12.38 -4.78
C SER A 122 8.97 12.89 -5.94
N ALA A 123 8.98 12.15 -7.04
CA ALA A 123 9.76 12.48 -8.24
C ALA A 123 8.98 13.28 -9.28
N HIS A 124 7.73 13.65 -8.97
CA HIS A 124 6.91 14.46 -9.86
C HIS A 124 6.54 15.78 -9.21
N GLN A 125 6.20 16.75 -10.03
CA GLN A 125 5.58 17.99 -9.57
C GLN A 125 4.23 18.13 -10.23
N LEU A 126 3.32 18.86 -9.60
CA LEU A 126 2.01 19.12 -10.16
C LEU A 126 2.16 19.96 -11.43
N GLU A 127 1.41 19.62 -12.48
CA GLU A 127 1.40 20.43 -13.69
C GLU A 127 1.16 21.90 -13.36
N ASP A 128 1.99 22.78 -13.92
CA ASP A 128 1.81 24.22 -13.77
C ASP A 128 0.65 24.68 -14.66
N PRO A 135 17.73 16.22 -19.66
CA PRO A 135 16.97 16.44 -18.43
C PRO A 135 15.56 16.95 -18.68
N GLY A 136 14.56 16.09 -18.50
CA GLY A 136 13.17 16.48 -18.60
C GLY A 136 12.63 16.90 -17.25
N ASP A 137 11.31 17.08 -17.16
CA ASP A 137 10.68 17.43 -15.90
C ASP A 137 9.37 16.68 -15.73
N PRO A 138 9.37 15.64 -14.89
CA PRO A 138 8.18 14.79 -14.74
C PRO A 138 7.09 15.56 -14.00
N THR A 139 5.96 15.76 -14.66
CA THR A 139 4.81 16.38 -14.01
C THR A 139 3.65 15.39 -13.99
N ILE A 140 2.69 15.68 -13.13
CA ILE A 140 1.48 14.89 -13.06
C ILE A 140 0.30 15.85 -12.96
N SER A 141 -0.79 15.53 -13.64
CA SER A 141 -1.92 16.43 -13.68
C SER A 141 -2.84 16.22 -12.47
N TYR A 142 -3.68 17.20 -12.18
CA TYR A 142 -4.61 17.06 -11.07
C TYR A 142 -5.59 15.89 -11.32
N PRO A 143 -6.14 15.77 -12.55
CA PRO A 143 -6.98 14.59 -12.78
C PRO A 143 -6.27 13.26 -12.59
N MET A 144 -4.98 13.18 -12.92
CA MET A 144 -4.24 11.95 -12.75
C MET A 144 -4.03 11.64 -11.27
N LEU A 145 -3.79 12.66 -10.45
CA LEU A 145 -3.74 12.46 -9.01
C LEU A 145 -5.04 11.88 -8.50
N LEU A 146 -6.16 12.42 -8.98
CA LEU A 146 -7.46 11.91 -8.61
C LEU A 146 -7.63 10.45 -9.06
N HIS A 147 -7.09 10.14 -10.24
CA HIS A 147 -7.15 8.78 -10.78
C HIS A 147 -6.36 7.79 -9.93
N VAL A 148 -5.21 8.24 -9.45
CA VAL A 148 -4.41 7.45 -8.51
C VAL A 148 -5.21 7.15 -7.25
N ALA A 149 -5.81 8.20 -6.69
CA ALA A 149 -6.61 8.10 -5.48
C ALA A 149 -7.84 7.22 -5.67
N ALA A 150 -8.50 7.32 -6.83
CA ALA A 150 -9.68 6.51 -7.10
C ALA A 150 -9.33 5.03 -7.14
N GLN A 151 -8.18 4.71 -7.73
CA GLN A 151 -7.76 3.32 -7.83
C GLN A 151 -7.49 2.73 -6.46
N ILE A 152 -6.89 3.52 -5.56
CA ILE A 152 -6.65 3.04 -4.20
C ILE A 152 -7.99 2.76 -3.51
N ALA A 153 -8.94 3.68 -3.66
CA ALA A 153 -10.25 3.50 -3.06
C ALA A 153 -10.96 2.28 -3.63
N SER A 154 -10.77 2.00 -4.92
CA SER A 154 -11.38 0.83 -5.53
C SER A 154 -10.81 -0.46 -4.97
N GLY A 155 -9.49 -0.51 -4.78
CA GLY A 155 -8.88 -1.67 -4.16
C GLY A 155 -9.38 -1.86 -2.73
N MET A 156 -9.48 -0.77 -1.99
CA MET A 156 -9.93 -0.87 -0.60
C MET A 156 -11.39 -1.27 -0.54
N ARG A 157 -12.18 -0.83 -1.54
CA ARG A 157 -13.60 -1.21 -1.63
C ARG A 157 -13.69 -2.72 -1.70
N TYR A 158 -12.79 -3.31 -2.48
CA TYR A 158 -12.76 -4.76 -2.61
C TYR A 158 -12.34 -5.43 -1.30
N LEU A 159 -11.29 -4.93 -0.64
CA LEU A 159 -10.89 -5.54 0.62
C LEU A 159 -12.02 -5.45 1.66
N ALA A 160 -12.78 -4.36 1.63
CA ALA A 160 -13.91 -4.22 2.55
C ALA A 160 -14.97 -5.30 2.32
N THR A 161 -15.19 -5.72 1.06
CA THR A 161 -16.17 -6.78 0.77
C THR A 161 -15.73 -8.12 1.34
N LEU A 162 -14.43 -8.28 1.53
CA LEU A 162 -13.87 -9.50 2.08
C LEU A 162 -13.79 -9.46 3.59
N ASN A 163 -14.16 -8.30 4.16
CA ASN A 163 -13.92 -8.00 5.57
C ASN A 163 -12.46 -8.24 5.88
N PHE A 164 -11.60 -7.76 4.97
CA PHE A 164 -10.17 -7.87 5.14
C PHE A 164 -9.64 -6.50 5.54
N VAL A 165 -9.01 -6.43 6.70
CA VAL A 165 -8.48 -5.16 7.19
C VAL A 165 -7.00 -5.09 6.82
N HIS A 166 -6.61 -4.02 6.11
CA HIS A 166 -5.25 -3.92 5.64
C HIS A 166 -4.26 -3.63 6.78
N ARG A 167 -4.59 -2.61 7.60
CA ARG A 167 -3.89 -2.20 8.83
C ARG A 167 -2.68 -1.29 8.60
N ASP A 168 -2.20 -1.18 7.37
CA ASP A 168 -1.04 -0.32 7.09
C ASP A 168 -1.15 0.37 5.73
N LEU A 169 -2.31 0.95 5.43
CA LEU A 169 -2.45 1.65 4.16
C LEU A 169 -1.68 2.97 4.22
N ALA A 170 -0.90 3.22 3.16
CA ALA A 170 -0.03 4.40 3.01
C ALA A 170 0.58 4.33 1.62
N THR A 171 1.05 5.46 1.08
CA THR A 171 1.61 5.40 -0.27
C THR A 171 2.87 4.51 -0.35
N ARG A 172 3.62 4.36 0.75
CA ARG A 172 4.80 3.48 0.76
C ARG A 172 4.43 2.02 0.51
N ASN A 173 3.16 1.68 0.69
CA ASN A 173 2.70 0.32 0.45
C ASN A 173 1.93 0.16 -0.87
N CYS A 174 1.94 1.19 -1.71
CA CYS A 174 1.28 1.09 -3.01
C CYS A 174 2.31 0.99 -4.13
N LEU A 175 1.96 0.29 -5.21
CA LEU A 175 2.86 0.14 -6.36
C LEU A 175 2.29 0.78 -7.61
N VAL A 176 3.18 1.27 -8.46
CA VAL A 176 2.81 1.97 -9.68
C VAL A 176 3.28 1.22 -10.90
N GLY A 177 2.36 0.96 -11.82
CA GLY A 177 2.71 0.28 -13.05
C GLY A 177 2.74 1.25 -14.20
N GLU A 178 2.36 0.78 -15.39
CA GLU A 178 2.29 1.64 -16.56
C GLU A 178 1.03 2.50 -16.51
N ASN A 179 1.11 3.68 -17.11
CA ASN A 179 -0.04 4.55 -17.30
C ASN A 179 -0.75 4.86 -15.99
N PHE A 180 0.04 5.03 -14.94
CA PHE A 180 -0.45 5.43 -13.63
C PHE A 180 -1.38 4.39 -13.00
N THR A 181 -1.23 3.11 -13.37
CA THR A 181 -2.02 2.06 -12.70
C THR A 181 -1.45 1.81 -11.30
N ILE A 182 -2.34 1.60 -10.34
CA ILE A 182 -1.96 1.48 -8.93
C ILE A 182 -2.42 0.14 -8.36
N LYS A 183 -1.56 -0.51 -7.58
CA LYS A 183 -1.98 -1.65 -6.81
C LYS A 183 -1.53 -1.50 -5.38
N ILE A 184 -2.44 -1.81 -4.46
CA ILE A 184 -2.15 -1.84 -3.05
C ILE A 184 -1.41 -3.12 -2.69
N ALA A 185 -0.36 -2.98 -1.89
CA ALA A 185 0.44 -4.12 -1.44
C ALA A 185 0.71 -3.94 0.06
N ASP A 186 1.64 -4.74 0.59
CA ASP A 186 2.00 -4.58 2.01
C ASP A 186 3.43 -5.10 2.19
N PHE A 187 4.37 -4.18 2.34
CA PHE A 187 5.77 -4.56 2.44
C PHE A 187 6.26 -4.65 3.87
N GLY A 188 5.33 -4.61 4.83
CA GLY A 188 5.70 -4.72 6.22
C GLY A 188 6.27 -3.46 6.83
N MET A 189 6.73 -3.58 8.07
CA MET A 189 7.07 -2.39 8.87
C MET A 189 8.54 -2.28 9.25
N SER A 190 9.40 -3.04 8.58
CA SER A 190 10.81 -3.12 8.96
C SER A 190 11.80 -2.46 7.98
N ARG A 191 11.30 -1.83 6.92
CA ARG A 191 12.17 -1.21 5.93
C ARG A 191 12.84 0.06 6.46
N ASN A 192 14.17 0.13 6.35
CA ASN A 192 14.92 1.27 6.89
C ASN A 192 14.46 2.59 6.27
N LEU A 193 14.10 2.53 5.00
CA LEU A 193 13.67 3.70 4.24
C LEU A 193 12.49 4.42 4.90
N TYR A 194 11.59 3.67 5.50
CA TYR A 194 10.39 4.25 6.08
C TYR A 194 10.33 4.06 7.59
N ALA A 195 11.49 3.88 8.22
CA ALA A 195 11.53 3.62 9.66
C ALA A 195 10.84 4.73 10.46
N GLY A 196 10.97 5.96 9.99
CA GLY A 196 10.37 7.09 10.69
C GLY A 196 8.86 7.13 10.69
N ASP A 197 8.24 6.30 9.86
CA ASP A 197 6.78 6.21 9.75
C ASP A 197 6.16 5.27 10.78
N TYR A 198 7.01 4.69 11.62
CA TYR A 198 6.54 3.74 12.62
C TYR A 198 7.03 4.10 14.02
N TYR A 199 6.18 3.86 15.00
CA TYR A 199 6.50 4.06 16.40
C TYR A 199 6.81 2.71 17.04
N ARG A 200 8.03 2.61 17.57
CA ARG A 200 8.55 1.36 18.12
C ARG A 200 8.75 1.43 19.62
N VAL A 201 8.07 0.55 20.34
CA VAL A 201 8.29 0.35 21.75
C VAL A 201 8.67 -1.10 21.95
N GLN A 202 9.74 -1.35 22.72
CA GLN A 202 10.26 -2.70 22.90
C GLN A 202 9.17 -3.62 23.46
N GLY A 203 9.02 -4.79 22.83
CA GLY A 203 8.05 -5.76 23.28
C GLY A 203 6.63 -5.55 22.77
N ARG A 204 6.41 -4.48 22.01
CA ARG A 204 5.08 -4.16 21.49
C ARG A 204 5.04 -4.21 19.96
N ALA A 205 3.84 -4.27 19.41
CA ALA A 205 3.68 -4.18 17.96
C ALA A 205 4.17 -2.83 17.52
N VAL A 206 4.82 -2.82 16.37
CA VAL A 206 5.25 -1.62 15.67
C VAL A 206 4.00 -0.92 15.12
N LEU A 207 3.89 0.41 15.26
CA LEU A 207 2.64 1.10 14.93
C LEU A 207 2.84 2.27 13.97
N PRO A 208 2.13 2.28 12.83
CA PRO A 208 2.19 3.44 11.91
C PRO A 208 1.29 4.58 12.41
N ILE A 209 1.65 5.16 13.56
CA ILE A 209 0.72 6.03 14.28
C ILE A 209 0.22 7.25 13.48
N ARG A 210 1.03 7.78 12.55
CA ARG A 210 0.59 8.98 11.85
C ARG A 210 -0.52 8.70 10.84
N TRP A 211 -0.79 7.41 10.59
CA TRP A 211 -1.86 6.97 9.69
C TRP A 211 -3.02 6.36 10.46
N MET A 212 -2.91 6.32 11.80
CA MET A 212 -3.88 5.58 12.60
C MET A 212 -5.00 6.42 13.20
N ALA A 213 -6.22 5.88 13.12
CA ALA A 213 -7.40 6.48 13.74
C ALA A 213 -7.22 6.57 15.25
N TRP A 214 -7.86 7.56 15.86
CA TRP A 214 -7.65 7.80 17.28
C TRP A 214 -7.97 6.56 18.12
N GLU A 215 -9.02 5.82 17.73
CA GLU A 215 -9.42 4.66 18.52
C GLU A 215 -8.39 3.54 18.39
N CYS A 216 -7.71 3.46 17.25
CA CYS A 216 -6.60 2.52 17.09
C CYS A 216 -5.41 2.82 18.00
N ILE A 217 -5.07 4.09 18.10
CA ILE A 217 -3.97 4.51 18.96
C ILE A 217 -4.30 4.22 20.42
N LEU A 218 -5.55 4.42 20.80
CA LEU A 218 -5.94 4.22 22.19
C LEU A 218 -6.25 2.77 22.54
N MET A 219 -6.64 1.97 21.54
CA MET A 219 -7.14 0.62 21.81
C MET A 219 -6.47 -0.48 20.99
N GLY A 220 -5.57 -0.10 20.08
CA GLY A 220 -4.76 -1.07 19.35
C GLY A 220 -5.52 -1.99 18.40
N LYS A 221 -6.80 -1.73 18.17
CA LYS A 221 -7.60 -2.56 17.25
C LYS A 221 -7.86 -1.87 15.90
N PHE A 222 -7.76 -2.65 14.83
CA PHE A 222 -7.94 -2.16 13.47
C PHE A 222 -9.24 -2.69 12.85
N THR A 223 -9.93 -1.84 12.09
CA THR A 223 -11.22 -2.15 11.44
C THR A 223 -11.24 -1.57 10.04
N THR A 224 -12.26 -1.88 9.25
CA THR A 224 -12.44 -1.23 7.95
C THR A 224 -12.53 0.28 8.16
N ALA A 225 -13.22 0.69 9.24
CA ALA A 225 -13.35 2.11 9.50
C ALA A 225 -12.02 2.78 9.81
N SER A 226 -11.08 2.07 10.41
CA SER A 226 -9.77 2.69 10.61
C SER A 226 -8.98 2.63 9.29
N ASP A 227 -9.26 1.65 8.44
CA ASP A 227 -8.67 1.70 7.09
C ASP A 227 -9.14 2.95 6.34
N VAL A 228 -10.40 3.36 6.57
CA VAL A 228 -10.92 4.54 5.92
C VAL A 228 -10.15 5.79 6.40
N TRP A 229 -9.87 5.85 7.70
CA TRP A 229 -9.05 6.93 8.25
C TRP A 229 -7.67 6.95 7.60
N ALA A 230 -7.04 5.79 7.53
CA ALA A 230 -5.73 5.68 6.90
C ALA A 230 -5.80 6.05 5.42
N PHE A 231 -6.91 5.74 4.76
CA PHE A 231 -7.08 6.20 3.38
C PHE A 231 -7.09 7.74 3.31
N GLY A 232 -7.78 8.36 4.25
CA GLY A 232 -7.78 9.82 4.32
C GLY A 232 -6.36 10.36 4.38
N VAL A 233 -5.53 9.74 5.21
CA VAL A 233 -4.12 10.16 5.30
C VAL A 233 -3.34 9.84 4.01
N THR A 234 -3.60 8.67 3.42
CA THR A 234 -3.00 8.32 2.14
C THR A 234 -3.41 9.29 1.02
N LEU A 235 -4.67 9.70 1.02
CA LEU A 235 -5.15 10.68 0.05
C LEU A 235 -4.46 12.03 0.23
N TRP A 236 -4.30 12.42 1.49
CA TRP A 236 -3.51 13.60 1.84
C TRP A 236 -2.08 13.50 1.32
N GLU A 237 -1.43 12.35 1.52
CA GLU A 237 -0.10 12.13 0.92
C GLU A 237 -0.10 12.34 -0.61
N VAL A 238 -1.07 11.74 -1.28
CA VAL A 238 -1.14 11.84 -2.74
C VAL A 238 -1.26 13.31 -3.17
N LEU A 239 -2.16 14.04 -2.53
CA LEU A 239 -2.39 15.44 -2.86
C LEU A 239 -1.22 16.35 -2.45
N MET A 240 -0.41 15.89 -1.51
CA MET A 240 0.85 16.55 -1.14
C MET A 240 1.99 16.20 -2.09
N LEU A 241 1.73 15.26 -3.01
CA LEU A 241 2.77 14.63 -3.82
C LEU A 241 3.89 14.15 -2.89
N CYS A 242 3.50 13.66 -1.72
CA CYS A 242 4.42 13.03 -0.77
C CYS A 242 5.56 13.95 -0.34
N ARG A 243 5.28 15.25 -0.31
CA ARG A 243 6.32 16.23 -0.01
C ARG A 243 6.68 16.33 1.47
N ALA A 244 5.82 15.80 2.34
CA ALA A 244 6.12 15.85 3.77
C ALA A 244 5.40 14.76 4.54
N GLN A 245 5.96 14.38 5.68
CA GLN A 245 5.33 13.36 6.53
C GLN A 245 4.08 13.92 7.20
N PRO A 246 3.04 13.10 7.33
CA PRO A 246 1.86 13.53 8.09
C PRO A 246 2.22 13.95 9.51
N PHE A 247 1.72 15.11 9.92
CA PHE A 247 2.05 15.72 11.21
C PHE A 247 3.56 15.84 11.41
N GLY A 248 4.28 16.17 10.34
CA GLY A 248 5.72 16.07 10.34
C GLY A 248 6.47 16.94 11.34
N GLN A 249 5.85 18.05 11.73
CA GLN A 249 6.48 18.97 12.68
C GLN A 249 6.11 18.63 14.12
N LEU A 250 5.42 17.51 14.32
CA LEU A 250 5.06 17.02 15.66
C LEU A 250 5.80 15.73 16.00
N THR A 251 6.06 15.53 17.29
CA THR A 251 6.70 14.30 17.76
C THR A 251 5.73 13.12 17.75
N ASP A 252 6.26 11.91 17.78
CA ASP A 252 5.42 10.72 17.94
C ASP A 252 4.50 10.83 19.17
N GLU A 253 5.07 11.32 20.27
CA GLU A 253 4.31 11.54 21.49
C GLU A 253 3.14 12.51 21.30
N GLN A 254 3.34 13.60 20.56
CA GLN A 254 2.27 14.55 20.30
C GLN A 254 1.18 13.95 19.41
N VAL A 255 1.57 13.09 18.47
CA VAL A 255 0.62 12.42 17.60
C VAL A 255 -0.24 11.49 18.44
N ILE A 256 0.38 10.84 19.42
CA ILE A 256 -0.35 9.93 20.32
C ILE A 256 -1.28 10.73 21.25
N GLU A 257 -0.82 11.89 21.71
CA GLU A 257 -1.68 12.73 22.55
C GLU A 257 -2.87 13.28 21.77
N ASN A 258 -2.69 13.52 20.48
CA ASN A 258 -3.75 14.02 19.63
C ASN A 258 -4.93 13.05 19.60
N ALA A 259 -4.62 11.76 19.67
CA ALA A 259 -5.67 10.74 19.73
C ALA A 259 -6.53 10.93 20.99
N GLY A 260 -5.88 11.27 22.10
CA GLY A 260 -6.58 11.59 23.34
C GLY A 260 -7.51 12.78 23.19
N GLU A 261 -7.11 13.77 22.40
CA GLU A 261 -7.97 14.92 22.19
C GLU A 261 -9.18 14.57 21.32
N PHE A 262 -9.04 13.63 20.40
CA PHE A 262 -10.22 13.14 19.67
C PHE A 262 -11.17 12.45 20.65
N PHE A 263 -10.63 11.62 21.52
CA PHE A 263 -11.43 10.93 22.52
C PHE A 263 -12.21 11.90 23.40
N ARG A 264 -11.55 12.93 23.90
CA ARG A 264 -12.20 13.89 24.79
C ARG A 264 -13.20 14.78 24.05
N ASP A 265 -12.97 14.99 22.75
CA ASP A 265 -13.90 15.69 21.88
C ASP A 265 -14.30 17.07 22.41
N GLN A 266 -13.30 17.88 22.72
CA GLN A 266 -13.54 19.24 23.20
C GLN A 266 -13.02 20.29 22.21
N GLY A 267 -12.82 19.86 20.96
CA GLY A 267 -12.41 20.77 19.91
C GLY A 267 -10.94 21.16 19.94
N ARG A 268 -10.11 20.33 20.58
CA ARG A 268 -8.68 20.63 20.62
C ARG A 268 -7.85 19.63 19.80
N GLN A 269 -8.51 18.64 19.21
CA GLN A 269 -7.79 17.75 18.32
C GLN A 269 -7.39 18.51 17.07
N VAL A 270 -6.28 18.10 16.47
CA VAL A 270 -5.81 18.74 15.24
C VAL A 270 -5.78 17.78 14.07
N TYR A 271 -5.83 18.37 12.88
CA TYR A 271 -5.93 17.65 11.63
C TYR A 271 -4.77 17.99 10.71
N LEU A 272 -4.48 17.08 9.80
CA LEU A 272 -3.61 17.40 8.67
C LEU A 272 -4.22 18.56 7.90
N SER A 273 -3.37 19.48 7.45
CA SER A 273 -3.82 20.67 6.73
C SER A 273 -4.09 20.39 5.26
N ARG A 274 -4.85 21.28 4.63
CA ARG A 274 -5.20 21.15 3.23
C ARG A 274 -3.97 21.27 2.34
N PRO A 275 -3.66 20.23 1.54
CA PRO A 275 -2.51 20.34 0.63
C PRO A 275 -2.69 21.44 -0.43
N PRO A 276 -1.57 22.01 -0.91
CA PRO A 276 -1.64 23.04 -1.95
C PRO A 276 -2.44 22.60 -3.18
N ALA A 277 -2.34 21.34 -3.56
CA ALA A 277 -3.00 20.85 -4.77
C ALA A 277 -4.45 20.45 -4.53
N CYS A 278 -4.91 20.56 -3.29
CA CYS A 278 -6.22 20.03 -2.87
C CYS A 278 -7.31 21.11 -2.74
N PRO A 279 -8.39 21.03 -3.55
CA PRO A 279 -9.50 21.97 -3.41
C PRO A 279 -10.26 21.75 -2.10
N GLN A 280 -10.97 22.76 -1.61
CA GLN A 280 -11.64 22.63 -0.32
C GLN A 280 -12.64 21.46 -0.30
N GLY A 281 -13.34 21.22 -1.41
CA GLY A 281 -14.31 20.14 -1.49
C GLY A 281 -13.69 18.78 -1.24
N LEU A 282 -12.51 18.56 -1.81
CA LEU A 282 -11.78 17.31 -1.63
C LEU A 282 -11.24 17.22 -0.20
N TYR A 283 -10.85 18.37 0.34
CA TYR A 283 -10.37 18.40 1.71
C TYR A 283 -11.49 18.02 2.67
N GLU A 284 -12.72 18.46 2.40
CA GLU A 284 -13.86 18.10 3.24
CA GLU A 284 -13.85 18.10 3.23
C GLU A 284 -14.09 16.59 3.23
N LEU A 285 -13.79 15.93 2.11
CA LEU A 285 -13.86 14.46 2.05
C LEU A 285 -12.80 13.85 2.97
N MET A 286 -11.58 14.36 2.92
CA MET A 286 -10.55 13.90 3.84
C MET A 286 -11.04 14.01 5.27
N LEU A 287 -11.62 15.17 5.60
CA LEU A 287 -12.07 15.39 6.97
C LEU A 287 -13.15 14.40 7.38
N ARG A 288 -14.00 14.01 6.44
CA ARG A 288 -15.01 12.99 6.71
C ARG A 288 -14.35 11.64 7.04
N CYS A 289 -13.25 11.33 6.37
CA CYS A 289 -12.48 10.12 6.72
C CYS A 289 -11.93 10.14 8.14
N TRP A 290 -11.76 11.35 8.71
CA TRP A 290 -11.20 11.50 10.05
C TRP A 290 -12.28 11.86 11.09
N SER A 291 -13.52 11.51 10.77
CA SER A 291 -14.62 11.67 11.73
C SER A 291 -14.30 10.94 13.01
N ARG A 292 -14.64 11.54 14.16
CA ARG A 292 -14.44 10.87 15.45
C ARG A 292 -15.19 9.54 15.49
N GLU A 293 -16.47 9.58 15.12
CA GLU A 293 -17.29 8.36 15.10
C GLU A 293 -16.99 7.47 13.90
N SER A 294 -16.62 6.22 14.16
CA SER A 294 -16.29 5.27 13.11
C SER A 294 -17.38 5.16 12.06
N GLU A 295 -18.63 5.11 12.51
CA GLU A 295 -19.77 4.93 11.62
C GLU A 295 -20.04 6.12 10.71
N GLN A 296 -19.54 7.31 11.08
CA GLN A 296 -19.75 8.49 10.25
C GLN A 296 -18.72 8.62 9.13
N ARG A 297 -17.69 7.76 9.14
CA ARG A 297 -16.68 7.78 8.09
C ARG A 297 -17.26 7.17 6.82
N PRO A 298 -16.99 7.78 5.66
CA PRO A 298 -17.62 7.23 4.45
C PRO A 298 -17.09 5.84 4.12
N PRO A 299 -17.96 4.94 3.65
CA PRO A 299 -17.50 3.65 3.16
C PRO A 299 -16.68 3.80 1.90
N PHE A 300 -15.81 2.83 1.61
CA PHE A 300 -14.96 2.92 0.44
C PHE A 300 -15.75 2.96 -0.88
N SER A 301 -16.92 2.32 -0.91
CA SER A 301 -17.76 2.41 -2.10
C SER A 301 -18.12 3.85 -2.41
N GLN A 302 -18.39 4.62 -1.37
CA GLN A 302 -18.76 6.03 -1.53
C GLN A 302 -17.55 6.89 -1.90
N LEU A 303 -16.43 6.64 -1.22
CA LEU A 303 -15.20 7.35 -1.54
C LEU A 303 -14.78 7.12 -2.99
N HIS A 304 -14.89 5.88 -3.45
CA HIS A 304 -14.50 5.56 -4.81
C HIS A 304 -15.39 6.28 -5.83
N ARG A 305 -16.71 6.25 -5.58
CA ARG A 305 -17.66 6.90 -6.45
C ARG A 305 -17.37 8.40 -6.57
N PHE A 306 -17.14 9.05 -5.42
CA PHE A 306 -16.80 10.46 -5.39
C PHE A 306 -15.55 10.76 -6.23
N LEU A 307 -14.49 9.97 -6.02
CA LEU A 307 -13.21 10.25 -6.66
C LEU A 307 -13.19 9.91 -8.15
N ALA A 308 -13.95 8.89 -8.53
CA ALA A 308 -13.97 8.43 -9.92
C ALA A 308 -14.95 9.26 -10.76
N GLU A 309 -16.07 9.64 -10.15
CA GLU A 309 -17.13 10.35 -10.86
C GLU A 309 -17.01 11.85 -10.67
C13 1IM B . 0.56 -9.32 2.48
C15 1IM B . -1.63 -8.34 2.35
C16 1IM B . -1.27 -7.69 1.19
C17 1IM B . 0.01 -7.82 0.63
C18 1IM B . -2.24 -6.77 0.51
C22 1IM B . 6.61 -6.66 -5.57
C23 1IM B . 7.08 -5.69 -6.47
C24 1IM B . 6.59 -5.65 -7.78
C26 1IM B . 7.92 -3.83 -8.29
C27 1IM B . 8.48 -3.80 -7.00
C28 1IM B . 8.04 -4.74 -6.07
C1 1IM B . 4.87 -8.92 -1.64
C2 1IM B . 4.83 -10.28 -1.98
C3 1IM B . 5.23 -10.69 -3.26
C4 1IM B . 5.70 -9.76 -4.18
C5 1IM B . 5.73 -8.41 -3.84
C6 1IM B . 5.32 -7.99 -2.55
C7 1IM B . 6.20 -7.47 -4.78
C8 1IM B . 4.44 -8.51 -0.26
C9 1IM B . 2.97 -8.09 -0.14
N10 1IM B . 2.28 -8.82 0.83
O11 1IM B . 2.43 -7.21 -0.80
C12 1IM B . 0.93 -8.66 1.28
C14 1IM B . -0.71 -9.14 2.97
F19 1IM B . -2.35 -6.79 -0.81
F20 1IM B . -3.48 -6.89 1.00
F21 1IM B . -1.94 -5.49 0.80
N25 1IM B . 7.00 -4.74 -8.68
I IOD C . 2.25 19.51 11.52
I IOD D . 4.52 19.87 -6.35
I IOD E . -17.52 10.85 0.34
I IOD F . -14.01 18.53 -5.24
I IOD G . 11.01 -26.87 -13.74
I IOD H . -19.66 -2.44 -2.94
I IOD I . -0.21 13.31 -16.26
I IOD J . -21.40 1.90 -5.39
I IOD K . -10.87 3.64 -10.57
I IOD L . 11.06 -14.07 -25.50
#